data_9OAN
#
_entry.id   9OAN
#
_cell.length_a   69.829
_cell.length_b   69.829
_cell.length_c   316.142
_cell.angle_alpha   90.00
_cell.angle_beta   90.00
_cell.angle_gamma   120.00
#
_symmetry.space_group_name_H-M   'P 65 2 2'
#
loop_
_entity.id
_entity.type
_entity.pdbx_description
1 polymer 'nucleoside-diphosphate kinase'
2 non-polymer "GUANOSINE-5'-DIPHOSPHATE"
3 non-polymer 'MAGNESIUM ION'
4 non-polymer 'PHOSPHOAMINOPHOSPHONIC ACID-ADENYLATE ESTER'
5 water water
#
_entity_poly.entity_id   1
_entity_poly.type   'polypeptide(L)'
_entity_poly.pdbx_seq_one_letter_code
;MAHHHHHHVEQTYLMIKPDGIQRQVVGEIISRFEKRGYRIAAMKLTIATPAILEEHYAEHKGKPFLPGLIEKMTGPVLCM
VFEGVDVIAQARKMMGSTRPGEAAPGTIRADFCQQAGRNLIHGSDSAESAKREISLWFKPEEIQSYKLALSDYIFE
;
_entity_poly.pdbx_strand_id   A,B,C
#
# COMPACT_ATOMS: atom_id res chain seq x y z
N HIS A 8 14.93 22.32 2.88
CA HIS A 8 14.77 22.88 1.54
C HIS A 8 13.83 22.02 0.68
N VAL A 9 12.78 22.62 0.16
CA VAL A 9 11.85 21.88 -0.67
C VAL A 9 12.24 22.10 -2.12
N GLU A 10 11.73 21.24 -2.98
CA GLU A 10 11.89 21.39 -4.41
C GLU A 10 10.52 21.17 -5.06
N GLN A 11 10.47 21.36 -6.38
CA GLN A 11 9.24 21.19 -7.15
C GLN A 11 9.49 20.19 -8.27
N THR A 12 8.52 19.32 -8.50
CA THR A 12 8.60 18.36 -9.58
C THR A 12 7.41 18.49 -10.50
N TYR A 13 7.58 18.07 -11.76
CA TYR A 13 6.50 18.04 -12.73
C TYR A 13 5.90 16.63 -12.78
N LEU A 14 4.59 16.53 -12.51
CA LEU A 14 3.88 15.26 -12.57
C LEU A 14 2.73 15.42 -13.56
N MET A 15 2.52 14.41 -14.41
CA MET A 15 1.48 14.52 -15.44
C MET A 15 0.66 13.23 -15.43
N ILE A 16 -0.64 13.36 -15.22
CA ILE A 16 -1.54 12.21 -15.36
C ILE A 16 -1.78 12.00 -16.85
N LYS A 17 -1.48 10.80 -17.34
CA LYS A 17 -1.57 10.46 -18.76
C LYS A 17 -3.02 10.21 -19.12
N PRO A 18 -3.32 10.08 -20.42
CA PRO A 18 -4.73 9.90 -20.81
C PRO A 18 -5.38 8.69 -20.17
N ASP A 19 -4.64 7.62 -19.87
CA ASP A 19 -5.27 6.49 -19.21
C ASP A 19 -5.71 6.85 -17.79
N GLY A 20 -4.97 7.72 -17.10
CA GLY A 20 -5.41 8.15 -15.78
C GLY A 20 -6.70 8.97 -15.85
N ILE A 21 -6.83 9.81 -16.88
CA ILE A 21 -8.06 10.58 -17.07
C ILE A 21 -9.21 9.67 -17.41
N GLN A 22 -9.02 8.78 -18.39
CA GLN A 22 -10.09 7.96 -18.92
C GLN A 22 -10.54 6.90 -17.93
N ARG A 23 -9.63 6.40 -17.10
CA ARG A 23 -10.05 5.45 -16.08
C ARG A 23 -10.60 6.17 -14.84
N GLN A 24 -10.58 7.49 -14.84
CA GLN A 24 -11.22 8.33 -13.83
C GLN A 24 -10.65 8.04 -12.45
N VAL A 25 -9.32 8.07 -12.36
CA VAL A 25 -8.59 7.92 -11.11
C VAL A 25 -7.77 9.17 -10.79
N VAL A 26 -8.14 10.31 -11.37
CA VAL A 26 -7.41 11.56 -11.12
C VAL A 26 -7.39 11.90 -9.64
N GLY A 27 -8.55 11.85 -8.99
CA GLY A 27 -8.60 12.22 -7.60
C GLY A 27 -7.77 11.29 -6.73
N GLU A 28 -7.82 9.99 -7.00
CA GLU A 28 -7.03 9.04 -6.21
C GLU A 28 -5.55 9.36 -6.33
N ILE A 29 -5.09 9.72 -7.54
CA ILE A 29 -3.69 10.04 -7.74
C ILE A 29 -3.32 11.28 -6.95
N ILE A 30 -4.11 12.34 -7.07
CA ILE A 30 -3.81 13.56 -6.35
C ILE A 30 -3.77 13.28 -4.86
N SER A 31 -4.74 12.49 -4.34
CA SER A 31 -4.75 12.22 -2.91
C SER A 31 -3.48 11.55 -2.41
N ARG A 32 -2.86 10.71 -3.23
CA ARG A 32 -1.64 10.05 -2.76
C ARG A 32 -0.54 11.06 -2.47
N PHE A 33 -0.44 12.10 -3.28
CA PHE A 33 0.59 13.11 -3.06
C PHE A 33 0.20 14.08 -1.95
N GLU A 34 -1.08 14.45 -1.88
CA GLU A 34 -1.55 15.28 -0.79
C GLU A 34 -1.36 14.60 0.57
N LYS A 35 -1.45 13.27 0.59
CA LYS A 35 -1.35 12.53 1.85
C LYS A 35 -0.01 12.73 2.53
N ARG A 36 1.05 13.01 1.78
CA ARG A 36 2.38 13.25 2.34
C ARG A 36 2.62 14.71 2.68
N GLY A 37 1.61 15.57 2.53
CA GLY A 37 1.81 16.97 2.73
C GLY A 37 2.53 17.67 1.60
N TYR A 38 2.52 17.06 0.41
CA TYR A 38 3.05 17.76 -0.75
C TYR A 38 2.05 18.83 -1.17
N ARG A 39 2.56 19.97 -1.58
CA ARG A 39 1.74 21.12 -1.91
C ARG A 39 1.51 21.19 -3.41
N ILE A 40 0.24 21.35 -3.80
CA ILE A 40 -0.09 21.63 -5.19
C ILE A 40 0.33 23.07 -5.53
N ALA A 41 1.36 23.22 -6.37
CA ALA A 41 1.80 24.54 -6.82
C ALA A 41 1.25 24.92 -8.19
N ALA A 42 0.81 23.96 -8.99
CA ALA A 42 0.23 24.28 -10.28
C ALA A 42 -0.58 23.07 -10.74
N MET A 43 -1.64 23.34 -11.51
CA MET A 43 -2.48 22.26 -11.99
C MET A 43 -3.25 22.77 -13.21
N LYS A 44 -3.26 21.98 -14.27
CA LYS A 44 -3.95 22.39 -15.50
C LYS A 44 -4.34 21.16 -16.31
N LEU A 45 -5.62 21.08 -16.70
CA LEU A 45 -6.05 20.09 -17.67
C LEU A 45 -5.83 20.64 -19.09
N THR A 46 -5.17 19.85 -19.93
CA THR A 46 -5.04 20.20 -21.35
C THR A 46 -5.19 18.92 -22.15
N ILE A 47 -5.15 19.06 -23.47
CA ILE A 47 -5.03 17.92 -24.38
C ILE A 47 -3.64 18.02 -25.00
N ALA A 48 -2.80 17.02 -24.71
CA ALA A 48 -1.43 16.95 -25.22
C ALA A 48 -1.46 16.73 -26.72
N THR A 49 -0.59 17.45 -27.42
CA THR A 49 -0.47 17.36 -28.86
C THR A 49 0.90 16.84 -29.24
N PRO A 50 1.06 16.29 -30.43
CA PRO A 50 2.37 15.78 -30.80
C PRO A 50 3.50 16.77 -30.69
N ALA A 51 3.29 18.05 -31.05
CA ALA A 51 4.41 18.98 -31.02
C ALA A 51 4.95 19.20 -29.61
N ILE A 52 4.07 19.37 -28.63
CA ILE A 52 4.56 19.54 -27.27
C ILE A 52 5.10 18.23 -26.73
N LEU A 53 4.48 17.10 -27.10
CA LEU A 53 4.99 15.83 -26.61
C LEU A 53 6.37 15.52 -27.17
N GLU A 54 6.66 15.95 -28.40
CA GLU A 54 7.99 15.76 -28.95
C GLU A 54 9.04 16.49 -28.12
N GLU A 55 8.73 17.71 -27.66
CA GLU A 55 9.66 18.41 -26.79
C GLU A 55 9.74 17.74 -25.42
N HIS A 56 8.61 17.33 -24.88
CA HIS A 56 8.60 16.67 -23.58
C HIS A 56 9.48 15.43 -23.57
N TYR A 57 9.36 14.61 -24.60
CA TYR A 57 10.09 13.35 -24.70
C TYR A 57 11.30 13.45 -25.61
N ALA A 58 11.94 14.62 -25.64
CA ALA A 58 13.07 14.85 -26.52
C ALA A 58 14.21 13.87 -26.28
N GLU A 59 14.39 13.42 -25.02
CA GLU A 59 15.46 12.47 -24.74
C GLU A 59 15.26 11.15 -25.46
N HIS A 60 14.03 10.83 -25.83
CA HIS A 60 13.73 9.54 -26.44
C HIS A 60 13.71 9.58 -27.95
N LYS A 61 14.17 10.67 -28.55
CA LYS A 61 14.21 10.77 -29.99
C LYS A 61 14.92 9.55 -30.57
N GLY A 62 14.31 8.95 -31.59
CA GLY A 62 14.87 7.82 -32.29
C GLY A 62 14.56 6.46 -31.71
N LYS A 63 14.14 6.38 -30.45
CA LYS A 63 13.89 5.07 -29.85
C LYS A 63 12.66 4.41 -30.47
N PRO A 64 12.63 3.07 -30.49
CA PRO A 64 11.56 2.40 -31.24
C PRO A 64 10.16 2.66 -30.71
N PHE A 65 10.01 2.93 -29.42
CA PHE A 65 8.68 3.11 -28.87
C PHE A 65 8.18 4.55 -28.99
N LEU A 66 9.01 5.49 -29.46
CA LEU A 66 8.60 6.90 -29.40
C LEU A 66 7.36 7.20 -30.22
N PRO A 67 7.24 6.78 -31.48
CA PRO A 67 6.01 7.12 -32.22
C PRO A 67 4.76 6.63 -31.52
N GLY A 68 4.79 5.41 -30.98
CA GLY A 68 3.63 4.89 -30.28
C GLY A 68 3.44 5.55 -28.93
N LEU A 69 4.53 5.96 -28.29
CA LEU A 69 4.40 6.74 -27.07
C LEU A 69 3.66 8.04 -27.31
N ILE A 70 4.03 8.74 -28.39
CA ILE A 70 3.38 10.02 -28.69
CA ILE A 70 3.38 10.02 -28.71
C ILE A 70 1.90 9.79 -29.02
N GLU A 71 1.59 8.71 -29.74
CA GLU A 71 0.20 8.41 -30.05
CA GLU A 71 0.20 8.42 -30.06
C GLU A 71 -0.61 8.15 -28.79
N LYS A 72 -0.04 7.36 -27.87
CA LYS A 72 -0.80 7.02 -26.66
C LYS A 72 -0.97 8.22 -25.76
N MET A 73 -0.05 9.18 -25.83
CA MET A 73 -0.08 10.38 -25.01
C MET A 73 -0.89 11.51 -25.62
N THR A 74 -1.35 11.37 -26.88
CA THR A 74 -2.17 12.38 -27.53
C THR A 74 -3.60 12.23 -27.02
N GLY A 75 -3.96 13.08 -26.07
CA GLY A 75 -5.19 12.94 -25.36
C GLY A 75 -5.18 13.86 -24.17
N PRO A 76 -6.27 13.87 -23.40
CA PRO A 76 -6.33 14.70 -22.18
C PRO A 76 -5.26 14.27 -21.18
N VAL A 77 -4.62 15.28 -20.57
CA VAL A 77 -3.63 15.06 -19.51
C VAL A 77 -3.87 16.10 -18.42
N LEU A 78 -3.51 15.75 -17.20
CA LEU A 78 -3.49 16.71 -16.10
C LEU A 78 -2.04 17.05 -15.77
N CYS A 79 -1.65 18.29 -16.07
CA CYS A 79 -0.34 18.81 -15.74
C CYS A 79 -0.33 19.23 -14.28
N MET A 80 0.70 18.84 -13.53
CA MET A 80 0.74 19.18 -12.11
C MET A 80 2.17 19.57 -11.71
N VAL A 81 2.27 20.47 -10.74
CA VAL A 81 3.54 20.72 -10.04
C VAL A 81 3.27 20.50 -8.56
N PHE A 82 4.05 19.59 -7.92
CA PHE A 82 4.00 19.35 -6.48
C PHE A 82 5.32 19.76 -5.83
N GLU A 83 5.23 20.31 -4.62
CA GLU A 83 6.37 20.80 -3.86
C GLU A 83 6.52 20.01 -2.56
N GLY A 84 7.75 19.66 -2.23
CA GLY A 84 8.03 18.95 -0.99
C GLY A 84 9.51 18.67 -0.86
N VAL A 85 9.88 18.15 0.30
CA VAL A 85 11.27 17.74 0.53
C VAL A 85 11.58 16.58 -0.40
N ASP A 86 12.64 16.72 -1.20
CA ASP A 86 13.10 15.61 -2.04
C ASP A 86 11.98 15.08 -2.95
N VAL A 87 11.05 15.96 -3.34
CA VAL A 87 9.84 15.46 -3.99
C VAL A 87 10.11 14.89 -5.36
N ILE A 88 11.16 15.32 -6.06
CA ILE A 88 11.45 14.74 -7.37
C ILE A 88 11.72 13.24 -7.23
N ALA A 89 12.71 12.86 -6.40
CA ALA A 89 13.00 11.45 -6.23
C ALA A 89 11.87 10.71 -5.53
N GLN A 90 11.24 11.35 -4.55
CA GLN A 90 10.17 10.67 -3.81
C GLN A 90 8.96 10.40 -4.71
N ALA A 91 8.60 11.35 -5.58
CA ALA A 91 7.46 11.10 -6.45
C ALA A 91 7.77 9.95 -7.40
N ARG A 92 9.02 9.86 -7.88
CA ARG A 92 9.40 8.73 -8.73
C ARG A 92 9.26 7.40 -7.99
N LYS A 93 9.65 7.37 -6.72
CA LYS A 93 9.51 6.18 -5.90
C LYS A 93 8.05 5.80 -5.72
N MET A 94 7.19 6.80 -5.55
CA MET A 94 5.77 6.54 -5.38
C MET A 94 5.13 6.04 -6.65
N MET A 95 5.61 6.51 -7.80
CA MET A 95 5.07 6.05 -9.08
CA MET A 95 5.05 6.04 -9.07
C MET A 95 5.42 4.59 -9.33
N GLY A 96 6.65 4.21 -8.98
CA GLY A 96 7.16 2.88 -9.23
C GLY A 96 7.79 2.73 -10.60
N SER A 97 8.37 1.54 -10.82
CA SER A 97 9.08 1.23 -12.05
CA SER A 97 9.11 1.32 -12.05
C SER A 97 8.22 1.46 -13.28
N THR A 98 8.88 1.75 -14.41
CA THR A 98 8.20 1.96 -15.70
C THR A 98 7.26 0.83 -16.01
N ARG A 99 7.72 -0.39 -15.83
CA ARG A 99 6.87 -1.57 -15.98
C ARG A 99 6.05 -1.82 -14.73
N PRO A 100 4.72 -1.71 -14.80
CA PRO A 100 3.92 -1.97 -13.59
C PRO A 100 4.17 -3.34 -12.99
N GLY A 101 4.50 -4.32 -13.82
CA GLY A 101 4.75 -5.65 -13.30
C GLY A 101 6.00 -5.77 -12.46
N GLU A 102 6.94 -4.83 -12.61
CA GLU A 102 8.16 -4.77 -11.82
C GLU A 102 8.05 -3.80 -10.67
N ALA A 103 7.00 -2.98 -10.65
CA ALA A 103 6.87 -1.94 -9.63
C ALA A 103 6.52 -2.54 -8.28
N ALA A 104 6.97 -1.84 -7.23
CA ALA A 104 6.79 -2.37 -5.89
C ALA A 104 5.33 -2.28 -5.47
N PRO A 105 4.84 -3.25 -4.70
CA PRO A 105 3.47 -3.12 -4.18
C PRO A 105 3.36 -1.82 -3.40
N GLY A 106 2.22 -1.15 -3.54
CA GLY A 106 2.02 0.14 -2.91
C GLY A 106 2.38 1.34 -3.74
N THR A 107 3.03 1.14 -4.89
CA THR A 107 3.26 2.23 -5.82
C THR A 107 2.06 2.40 -6.75
N ILE A 108 1.98 3.56 -7.39
CA ILE A 108 0.86 3.86 -8.29
C ILE A 108 0.82 2.85 -9.43
N ARG A 109 1.96 2.64 -10.09
CA ARG A 109 1.92 1.76 -11.26
C ARG A 109 1.60 0.32 -10.88
N ALA A 110 2.11 -0.20 -9.76
CA ALA A 110 1.77 -1.56 -9.35
C ALA A 110 0.30 -1.68 -8.96
N ASP A 111 -0.25 -0.64 -8.34
CA ASP A 111 -1.60 -0.75 -7.80
C ASP A 111 -2.68 -0.60 -8.87
N PHE A 112 -2.39 0.13 -9.97
CA PHE A 112 -3.36 0.49 -10.99
C PHE A 112 -3.14 -0.12 -12.37
N CYS A 113 -1.93 -0.61 -12.72
CA CYS A 113 -1.62 -0.82 -14.13
C CYS A 113 -1.03 -2.20 -14.38
N GLN A 114 -0.92 -2.52 -15.68
CA GLN A 114 -0.41 -3.81 -16.13
C GLN A 114 0.82 -3.69 -17.02
N GLN A 115 0.85 -2.70 -17.91
CA GLN A 115 1.88 -2.61 -18.95
C GLN A 115 2.52 -1.23 -19.04
N ALA A 116 3.79 -1.24 -19.49
CA ALA A 116 4.54 0.00 -19.49
C ALA A 116 3.88 1.07 -20.36
N GLY A 117 3.28 0.65 -21.48
CA GLY A 117 2.66 1.60 -22.38
C GLY A 117 1.41 2.26 -21.85
N ARG A 118 0.83 1.75 -20.80
CA ARG A 118 -0.30 2.38 -20.12
C ARG A 118 -0.01 2.37 -18.63
N ASN A 119 0.85 3.30 -18.19
CA ASN A 119 1.34 3.29 -16.81
C ASN A 119 1.00 4.59 -16.08
N LEU A 120 -0.08 5.26 -16.52
CA LEU A 120 -0.90 6.21 -15.77
C LEU A 120 -0.34 7.60 -15.48
N ILE A 121 0.98 7.74 -15.36
CA ILE A 121 1.55 8.95 -14.78
C ILE A 121 2.98 9.08 -15.23
N HIS A 122 3.39 10.35 -15.45
CA HIS A 122 4.76 10.74 -15.68
C HIS A 122 5.25 11.60 -14.52
N GLY A 123 6.52 11.44 -14.15
CA GLY A 123 7.16 12.34 -13.20
C GLY A 123 8.58 12.67 -13.61
N SER A 124 9.02 13.91 -13.36
CA SER A 124 10.39 14.29 -13.66
C SER A 124 11.40 13.36 -13.02
N ASP A 125 12.49 13.07 -13.73
CA ASP A 125 13.48 12.13 -13.19
C ASP A 125 14.68 12.80 -12.54
N SER A 126 14.78 14.12 -12.58
CA SER A 126 15.94 14.82 -12.04
C SER A 126 15.60 16.28 -11.83
N ALA A 127 16.49 16.99 -11.12
CA ALA A 127 16.27 18.42 -10.95
C ALA A 127 16.27 19.15 -12.28
N GLU A 128 17.18 18.78 -13.18
CA GLU A 128 17.25 19.45 -14.47
C GLU A 128 15.99 19.20 -15.30
N SER A 129 15.51 17.95 -15.32
CA SER A 129 14.33 17.66 -16.12
CA SER A 129 14.32 17.62 -16.09
C SER A 129 13.09 18.28 -15.48
N ALA A 130 13.04 18.36 -14.16
CA ALA A 130 11.91 19.03 -13.53
C ALA A 130 11.86 20.51 -13.93
N LYS A 131 13.00 21.20 -13.93
CA LYS A 131 12.98 22.60 -14.34
C LYS A 131 12.51 22.74 -15.78
N ARG A 132 13.01 21.89 -16.67
CA ARG A 132 12.67 21.96 -18.07
C ARG A 132 11.20 21.64 -18.31
N GLU A 133 10.69 20.60 -17.65
CA GLU A 133 9.31 20.18 -17.89
C GLU A 133 8.33 21.18 -17.30
N ILE A 134 8.62 21.73 -16.12
CA ILE A 134 7.73 22.75 -15.57
C ILE A 134 7.65 23.95 -16.53
N SER A 135 8.78 24.36 -17.10
CA SER A 135 8.77 25.49 -18.03
C SER A 135 8.06 25.16 -19.34
N LEU A 136 8.11 23.90 -19.77
CA LEU A 136 7.46 23.52 -21.03
C LEU A 136 5.96 23.60 -20.93
N TRP A 137 5.40 23.13 -19.83
CA TRP A 137 3.96 22.97 -19.71
C TRP A 137 3.28 24.11 -18.95
N PHE A 138 4.03 24.92 -18.22
CA PHE A 138 3.45 26.01 -17.44
C PHE A 138 4.17 27.32 -17.72
N LYS A 139 3.41 28.40 -17.80
CA LYS A 139 4.02 29.71 -17.72
C LYS A 139 4.28 30.05 -16.26
N PRO A 140 5.25 30.93 -15.99
CA PRO A 140 5.55 31.26 -14.59
C PRO A 140 4.37 31.82 -13.84
N GLU A 141 3.47 32.56 -14.51
CA GLU A 141 2.27 33.09 -13.85
C GLU A 141 1.32 32.00 -13.37
N GLU A 142 1.46 30.77 -13.86
CA GLU A 142 0.57 29.70 -13.45
CA GLU A 142 0.59 29.67 -13.47
C GLU A 142 1.06 28.96 -12.21
N ILE A 143 2.26 29.27 -11.74
CA ILE A 143 2.84 28.60 -10.57
C ILE A 143 2.48 29.44 -9.34
N GLN A 144 1.80 28.81 -8.39
CA GLN A 144 1.20 29.52 -7.28
C GLN A 144 2.00 29.28 -6.01
N SER A 145 2.32 30.37 -5.31
CA SER A 145 3.07 30.28 -4.05
CA SER A 145 3.07 30.28 -4.05
C SER A 145 2.14 30.57 -2.88
N TYR A 146 2.08 29.64 -1.95
CA TYR A 146 1.35 29.78 -0.70
C TYR A 146 1.96 28.78 0.26
N LYS A 147 1.68 28.96 1.54
CA LYS A 147 2.22 28.10 2.59
C LYS A 147 1.13 27.22 3.15
N LEU A 148 1.43 25.92 3.32
CA LEU A 148 0.45 25.02 3.92
C LEU A 148 0.29 25.32 5.41
N ALA A 149 -0.96 25.36 5.86
CA ALA A 149 -1.23 25.68 7.25
C ALA A 149 -0.65 24.65 8.22
N LEU A 150 -0.49 23.40 7.79
CA LEU A 150 0.09 22.38 8.65
C LEU A 150 1.61 22.25 8.51
N SER A 151 2.28 23.28 7.98
CA SER A 151 3.72 23.22 7.73
CA SER A 151 3.72 23.20 7.73
C SER A 151 4.51 22.81 8.97
N ASP A 152 4.13 23.33 10.14
CA ASP A 152 4.91 23.03 11.35
C ASP A 152 4.85 21.55 11.72
N TYR A 153 3.86 20.82 11.23
CA TYR A 153 3.70 19.39 11.51
C TYR A 153 4.12 18.50 10.36
N ILE A 154 4.52 19.08 9.22
CA ILE A 154 5.01 18.34 8.07
C ILE A 154 6.52 18.39 7.98
N PHE A 155 7.10 19.56 8.27
CA PHE A 155 8.52 19.80 8.12
C PHE A 155 9.19 19.90 9.48
N GLU A 156 10.45 19.45 9.52
CA GLU A 156 11.33 19.66 10.67
C GLU A 156 11.60 21.11 10.95
N HIS B 8 -1.16 -10.39 -25.01
CA HIS B 8 -1.49 -11.76 -24.62
C HIS B 8 -1.82 -11.81 -23.13
N VAL B 9 -3.02 -12.24 -22.79
CA VAL B 9 -3.44 -12.35 -21.40
C VAL B 9 -3.48 -13.80 -20.99
N GLU B 10 -3.48 -14.02 -19.69
CA GLU B 10 -3.69 -15.37 -19.15
C GLU B 10 -4.73 -15.27 -18.06
N GLN B 11 -5.11 -16.43 -17.52
CA GLN B 11 -6.11 -16.53 -16.47
C GLN B 11 -5.53 -17.26 -15.27
N THR B 12 -5.84 -16.78 -14.07
CA THR B 12 -5.42 -17.45 -12.85
C THR B 12 -6.62 -17.78 -11.99
N TYR B 13 -6.48 -18.82 -11.16
CA TYR B 13 -7.49 -19.18 -10.16
C TYR B 13 -7.12 -18.52 -8.84
N LEU B 14 -8.03 -17.70 -8.31
CA LEU B 14 -7.90 -17.06 -7.01
C LEU B 14 -9.07 -17.49 -6.15
N MET B 15 -8.80 -17.81 -4.89
CA MET B 15 -9.86 -18.28 -3.99
C MET B 15 -9.77 -17.54 -2.67
N ILE B 16 -10.85 -16.84 -2.31
CA ILE B 16 -10.93 -16.23 -0.98
C ILE B 16 -11.29 -17.35 -0.01
N LYS B 17 -10.44 -17.55 0.99
CA LYS B 17 -10.57 -18.61 1.98
C LYS B 17 -11.61 -18.21 3.02
N PRO B 18 -12.02 -19.13 3.88
CA PRO B 18 -13.11 -18.83 4.83
C PRO B 18 -12.80 -17.64 5.71
N ASP B 19 -11.52 -17.39 6.03
CA ASP B 19 -11.23 -16.21 6.84
C ASP B 19 -11.55 -14.91 6.09
N GLY B 20 -11.36 -14.87 4.77
CA GLY B 20 -11.76 -13.68 4.01
C GLY B 20 -13.27 -13.45 4.01
N ILE B 21 -14.05 -14.54 3.91
CA ILE B 21 -15.50 -14.46 3.99
C ILE B 21 -15.94 -13.98 5.37
N GLN B 22 -15.40 -14.62 6.42
CA GLN B 22 -15.86 -14.38 7.79
C GLN B 22 -15.41 -13.03 8.31
N ARG B 23 -14.25 -12.55 7.86
CA ARG B 23 -13.82 -11.20 8.24
C ARG B 23 -14.48 -10.13 7.36
N GLN B 24 -15.24 -10.56 6.35
CA GLN B 24 -16.08 -9.68 5.53
C GLN B 24 -15.24 -8.64 4.80
N VAL B 25 -14.19 -9.12 4.14
CA VAL B 25 -13.31 -8.32 3.31
C VAL B 25 -13.33 -8.79 1.86
N VAL B 26 -14.37 -9.51 1.45
CA VAL B 26 -14.48 -10.00 0.08
C VAL B 26 -14.41 -8.84 -0.91
N GLY B 27 -15.21 -7.80 -0.69
CA GLY B 27 -15.23 -6.69 -1.64
C GLY B 27 -13.89 -5.98 -1.73
N GLU B 28 -13.23 -5.80 -0.59
CA GLU B 28 -11.92 -5.18 -0.63
C GLU B 28 -10.93 -5.99 -1.46
N ILE B 29 -10.99 -7.31 -1.32
CA ILE B 29 -10.05 -8.16 -2.07
C ILE B 29 -10.33 -8.03 -3.56
N ILE B 30 -11.59 -8.16 -3.94
CA ILE B 30 -11.96 -8.03 -5.36
C ILE B 30 -11.51 -6.67 -5.90
N SER B 31 -11.72 -5.62 -5.12
CA SER B 31 -11.36 -4.28 -5.60
C SER B 31 -9.88 -4.16 -5.92
N ARG B 32 -9.02 -4.85 -5.18
CA ARG B 32 -7.58 -4.75 -5.48
C ARG B 32 -7.26 -5.27 -6.87
N PHE B 33 -7.94 -6.35 -7.30
CA PHE B 33 -7.67 -6.90 -8.63
C PHE B 33 -8.37 -6.09 -9.73
N GLU B 34 -9.60 -5.63 -9.47
CA GLU B 34 -10.26 -4.75 -10.42
C GLU B 34 -9.48 -3.47 -10.66
N LYS B 35 -8.79 -2.98 -9.63
CA LYS B 35 -8.07 -1.72 -9.72
C LYS B 35 -7.00 -1.75 -10.81
N ARG B 36 -6.43 -2.92 -11.10
CA ARG B 36 -5.41 -3.04 -12.14
C ARG B 36 -6.00 -3.32 -13.50
N GLY B 37 -7.33 -3.32 -13.61
CA GLY B 37 -7.96 -3.66 -14.86
C GLY B 37 -7.98 -5.13 -15.16
N TYR B 38 -7.84 -5.98 -14.15
CA TYR B 38 -8.02 -7.41 -14.37
C TYR B 38 -9.50 -7.70 -14.53
N ARG B 39 -9.82 -8.63 -15.42
CA ARG B 39 -11.19 -8.94 -15.77
C ARG B 39 -11.68 -10.12 -14.94
N ILE B 40 -12.88 -9.97 -14.36
CA ILE B 40 -13.50 -11.10 -13.68
C ILE B 40 -14.06 -12.04 -14.76
N ALA B 41 -13.46 -13.21 -14.91
CA ALA B 41 -13.96 -14.19 -15.87
C ALA B 41 -14.88 -15.22 -15.24
N ALA B 42 -14.79 -15.42 -13.92
CA ALA B 42 -15.63 -16.37 -13.22
C ALA B 42 -15.64 -16.01 -11.74
N MET B 43 -16.75 -16.30 -11.09
CA MET B 43 -16.92 -15.96 -9.68
C MET B 43 -18.06 -16.83 -9.18
N LYS B 44 -17.83 -17.51 -8.06
CA LYS B 44 -18.83 -18.42 -7.50
C LYS B 44 -18.57 -18.59 -6.01
N LEU B 45 -19.61 -18.41 -5.20
CA LEU B 45 -19.54 -18.76 -3.79
C LEU B 45 -19.92 -20.23 -3.62
N THR B 46 -19.10 -20.98 -2.88
CA THR B 46 -19.44 -22.36 -2.55
C THR B 46 -18.95 -22.61 -1.13
N ILE B 47 -19.20 -23.80 -0.62
CA ILE B 47 -18.62 -24.24 0.64
C ILE B 47 -17.67 -25.38 0.30
N ALA B 48 -16.38 -25.16 0.58
CA ALA B 48 -15.37 -26.17 0.29
C ALA B 48 -15.57 -27.37 1.21
N THR B 49 -15.42 -28.55 0.63
CA THR B 49 -15.52 -29.80 1.36
C THR B 49 -14.19 -30.53 1.38
N PRO B 50 -13.98 -31.45 2.33
CA PRO B 50 -12.72 -32.20 2.34
C PRO B 50 -12.39 -32.92 1.05
N ALA B 51 -13.35 -33.51 0.35
CA ALA B 51 -13.00 -34.23 -0.87
C ALA B 51 -12.44 -33.30 -1.94
N ILE B 52 -13.05 -32.13 -2.13
CA ILE B 52 -12.52 -31.23 -3.17
C ILE B 52 -11.21 -30.62 -2.70
N LEU B 53 -11.09 -30.33 -1.40
CA LEU B 53 -9.84 -29.77 -0.87
C LEU B 53 -8.69 -30.77 -0.96
N GLU B 54 -8.98 -32.07 -0.80
CA GLU B 54 -7.92 -33.06 -0.98
C GLU B 54 -7.35 -33.01 -2.40
N GLU B 55 -8.22 -32.79 -3.41
CA GLU B 55 -7.75 -32.67 -4.78
CA GLU B 55 -7.72 -32.68 -4.77
C GLU B 55 -7.01 -31.36 -4.99
N HIS B 56 -7.55 -30.28 -4.44
CA HIS B 56 -6.88 -28.98 -4.58
C HIS B 56 -5.47 -29.05 -4.02
N TYR B 57 -5.31 -29.68 -2.85
CA TYR B 57 -4.04 -29.75 -2.14
C TYR B 57 -3.36 -31.10 -2.35
N ALA B 58 -3.53 -31.68 -3.52
CA ALA B 58 -2.99 -33.02 -3.77
C ALA B 58 -1.48 -33.09 -3.58
N GLU B 59 -0.77 -32.01 -3.87
CA GLU B 59 0.68 -32.02 -3.70
C GLU B 59 1.08 -32.28 -2.24
N HIS B 60 0.21 -31.99 -1.28
CA HIS B 60 0.51 -32.12 0.14
C HIS B 60 -0.06 -33.39 0.75
N LYS B 61 -0.54 -34.32 -0.07
CA LYS B 61 -1.11 -35.56 0.45
C LYS B 61 -0.10 -36.25 1.37
N GLY B 62 -0.58 -36.74 2.51
CA GLY B 62 0.23 -37.49 3.44
C GLY B 62 1.01 -36.66 4.43
N LYS B 63 1.18 -35.37 4.17
CA LYS B 63 1.97 -34.53 5.06
C LYS B 63 1.24 -34.28 6.37
N PRO B 64 1.99 -34.05 7.46
CA PRO B 64 1.33 -33.93 8.78
C PRO B 64 0.42 -32.73 8.90
N PHE B 65 0.68 -31.64 8.18
CA PHE B 65 -0.10 -30.43 8.33
C PHE B 65 -1.37 -30.42 7.50
N LEU B 66 -1.53 -31.38 6.57
CA LEU B 66 -2.69 -31.32 5.70
C LEU B 66 -4.00 -31.43 6.45
N PRO B 67 -4.17 -32.33 7.43
CA PRO B 67 -5.48 -32.43 8.08
C PRO B 67 -5.96 -31.11 8.67
N GLY B 68 -5.08 -30.34 9.31
CA GLY B 68 -5.49 -29.08 9.86
C GLY B 68 -5.71 -28.03 8.80
N LEU B 69 -4.97 -28.12 7.70
CA LEU B 69 -5.23 -27.24 6.58
C LEU B 69 -6.65 -27.46 6.03
N ILE B 70 -7.01 -28.73 5.84
CA ILE B 70 -8.34 -29.03 5.30
CA ILE B 70 -8.33 -29.03 5.31
C ILE B 70 -9.42 -28.53 6.25
N GLU B 71 -9.24 -28.74 7.56
CA GLU B 71 -10.22 -28.24 8.54
C GLU B 71 -10.39 -26.73 8.43
N LYS B 72 -9.28 -26.00 8.35
CA LYS B 72 -9.42 -24.55 8.29
CA LYS B 72 -9.37 -24.54 8.26
C LYS B 72 -10.07 -24.11 6.99
N MET B 73 -9.91 -24.89 5.91
CA MET B 73 -10.48 -24.52 4.63
C MET B 73 -11.90 -25.04 4.41
N THR B 74 -12.42 -25.87 5.32
CA THR B 74 -13.79 -26.38 5.22
C THR B 74 -14.73 -25.27 5.68
N GLY B 75 -15.31 -24.59 4.73
CA GLY B 75 -16.06 -23.40 5.01
C GLY B 75 -16.38 -22.70 3.71
N PRO B 76 -17.10 -21.59 3.80
CA PRO B 76 -17.39 -20.81 2.59
C PRO B 76 -16.11 -20.27 1.96
N VAL B 77 -16.06 -20.34 0.64
CA VAL B 77 -14.97 -19.78 -0.16
C VAL B 77 -15.57 -19.08 -1.36
N LEU B 78 -14.86 -18.07 -1.88
CA LEU B 78 -15.24 -17.44 -3.14
C LEU B 78 -14.22 -17.88 -4.19
N CYS B 79 -14.70 -18.69 -5.14
CA CYS B 79 -13.89 -19.12 -6.27
C CYS B 79 -13.89 -18.01 -7.32
N MET B 80 -12.71 -17.68 -7.84
CA MET B 80 -12.61 -16.60 -8.82
C MET B 80 -11.63 -16.98 -9.92
N VAL B 81 -11.89 -16.49 -11.12
CA VAL B 81 -10.91 -16.49 -12.20
C VAL B 81 -10.72 -15.04 -12.65
N PHE B 82 -9.47 -14.56 -12.62
CA PHE B 82 -9.13 -13.24 -13.13
C PHE B 82 -8.22 -13.35 -14.36
N GLU B 83 -8.41 -12.43 -15.28
CA GLU B 83 -7.66 -12.38 -16.52
C GLU B 83 -6.86 -11.09 -16.66
N GLY B 84 -5.61 -11.22 -17.09
CA GLY B 84 -4.78 -10.06 -17.34
C GLY B 84 -3.40 -10.47 -17.83
N VAL B 85 -2.62 -9.45 -18.17
CA VAL B 85 -1.23 -9.69 -18.56
C VAL B 85 -0.47 -10.24 -17.38
N ASP B 86 0.18 -11.40 -17.56
CA ASP B 86 1.07 -11.95 -16.54
C ASP B 86 0.33 -12.13 -15.21
N VAL B 87 -0.98 -12.39 -15.25
CA VAL B 87 -1.78 -12.29 -14.04
C VAL B 87 -1.46 -13.41 -13.04
N ILE B 88 -0.97 -14.57 -13.49
CA ILE B 88 -0.62 -15.61 -12.54
C ILE B 88 0.48 -15.13 -11.60
N ALA B 89 1.59 -14.68 -12.16
CA ALA B 89 2.69 -14.20 -11.32
C ALA B 89 2.30 -12.91 -10.61
N GLN B 90 1.54 -12.03 -11.29
CA GLN B 90 1.23 -10.76 -10.66
C GLN B 90 0.29 -10.95 -9.48
N ALA B 91 -0.69 -11.86 -9.60
CA ALA B 91 -1.59 -12.08 -8.47
C ALA B 91 -0.81 -12.67 -7.28
N ARG B 92 0.16 -13.53 -7.55
CA ARG B 92 0.99 -14.04 -6.45
C ARG B 92 1.76 -12.92 -5.77
N LYS B 93 2.30 -12.00 -6.57
CA LYS B 93 3.01 -10.85 -6.01
C LYS B 93 2.08 -10.00 -5.17
N MET B 94 0.84 -9.80 -5.64
CA MET B 94 -0.10 -8.97 -4.91
C MET B 94 -0.52 -9.61 -3.59
N MET B 95 -0.66 -10.96 -3.58
CA MET B 95 -1.00 -11.66 -2.35
CA MET B 95 -1.00 -11.65 -2.34
C MET B 95 0.11 -11.53 -1.32
N GLY B 96 1.35 -11.59 -1.78
CA GLY B 96 2.49 -11.61 -0.90
C GLY B 96 2.84 -13.00 -0.40
N SER B 97 3.96 -13.08 0.33
CA SER B 97 4.45 -14.33 0.88
C SER B 97 3.38 -15.09 1.64
N THR B 98 3.48 -16.42 1.60
CA THR B 98 2.58 -17.31 2.34
C THR B 98 2.52 -16.91 3.81
N ARG B 99 3.68 -16.60 4.40
CA ARG B 99 3.74 -16.17 5.79
C ARG B 99 3.54 -14.66 5.81
N PRO B 100 2.45 -14.15 6.37
CA PRO B 100 2.19 -12.70 6.32
C PRO B 100 3.29 -11.85 6.91
N GLY B 101 3.99 -12.35 7.94
CA GLY B 101 5.04 -11.55 8.53
C GLY B 101 6.22 -11.32 7.63
N GLU B 102 6.36 -12.14 6.58
CA GLU B 102 7.42 -12.03 5.59
C GLU B 102 6.96 -11.28 4.34
N ALA B 103 5.65 -11.04 4.21
CA ALA B 103 5.08 -10.41 3.04
C ALA B 103 5.38 -8.92 2.99
N ALA B 104 5.54 -8.42 1.77
CA ALA B 104 5.91 -7.04 1.59
C ALA B 104 4.75 -6.10 1.95
N PRO B 105 5.05 -4.94 2.52
CA PRO B 105 3.98 -3.98 2.78
C PRO B 105 3.24 -3.69 1.48
N GLY B 106 1.94 -3.54 1.56
CA GLY B 106 1.13 -3.31 0.40
C GLY B 106 0.55 -4.53 -0.24
N THR B 107 0.98 -5.71 0.19
CA THR B 107 0.38 -6.94 -0.29
C THR B 107 -0.82 -7.32 0.58
N ILE B 108 -1.67 -8.20 0.04
CA ILE B 108 -2.87 -8.59 0.76
C ILE B 108 -2.52 -9.23 2.09
N ARG B 109 -1.59 -10.19 2.09
CA ARG B 109 -1.32 -10.89 3.34
C ARG B 109 -0.66 -10.00 4.38
N ALA B 110 0.22 -9.08 3.95
CA ALA B 110 0.85 -8.15 4.89
C ALA B 110 -0.17 -7.16 5.45
N ASP B 111 -1.14 -6.74 4.63
CA ASP B 111 -2.08 -5.71 5.03
C ASP B 111 -3.20 -6.26 5.92
N PHE B 112 -3.52 -7.55 5.77
CA PHE B 112 -4.68 -8.13 6.43
C PHE B 112 -4.38 -9.23 7.45
N CYS B 113 -3.21 -9.86 7.43
CA CYS B 113 -3.07 -11.14 8.10
C CYS B 113 -1.87 -11.22 9.02
N GLN B 114 -1.86 -12.29 9.82
CA GLN B 114 -0.79 -12.52 10.79
C GLN B 114 -0.06 -13.82 10.58
N GLN B 115 -0.76 -14.91 10.25
CA GLN B 115 -0.13 -16.23 10.21
C GLN B 115 -0.48 -16.98 8.94
N ALA B 116 0.42 -17.88 8.54
CA ALA B 116 0.22 -18.60 7.28
C ALA B 116 -1.07 -19.40 7.27
N GLY B 117 -1.46 -19.97 8.39
CA GLY B 117 -2.67 -20.78 8.40
C GLY B 117 -3.96 -20.00 8.21
N ARG B 118 -3.94 -18.68 8.36
CA ARG B 118 -5.09 -17.83 8.08
C ARG B 118 -4.56 -16.68 7.24
N ASN B 119 -4.36 -16.94 5.95
CA ASN B 119 -3.72 -15.95 5.08
C ASN B 119 -4.62 -15.57 3.91
N LEU B 120 -5.93 -15.71 4.11
CA LEU B 120 -7.01 -15.03 3.43
C LEU B 120 -7.34 -15.44 2.00
N ILE B 121 -6.35 -15.92 1.26
CA ILE B 121 -6.52 -16.03 -0.18
C ILE B 121 -5.54 -17.04 -0.71
N HIS B 122 -5.94 -17.73 -1.77
CA HIS B 122 -5.12 -18.62 -2.56
C HIS B 122 -5.02 -18.11 -3.99
N GLY B 123 -3.85 -18.26 -4.62
CA GLY B 123 -3.73 -18.02 -6.03
C GLY B 123 -2.85 -19.07 -6.71
N SER B 124 -3.18 -19.44 -7.94
CA SER B 124 -2.39 -20.43 -8.68
C SER B 124 -0.92 -20.04 -8.73
N ASP B 125 -0.03 -21.04 -8.63
CA ASP B 125 1.40 -20.73 -8.64
C ASP B 125 2.06 -20.90 -10.00
N SER B 126 1.33 -21.37 -11.01
CA SER B 126 1.92 -21.59 -12.33
C SER B 126 0.80 -21.72 -13.34
N ALA B 127 1.17 -21.71 -14.62
CA ALA B 127 0.19 -21.95 -15.67
C ALA B 127 -0.44 -23.33 -15.54
N GLU B 128 0.37 -24.34 -15.21
CA GLU B 128 -0.15 -25.70 -15.07
C GLU B 128 -1.14 -25.80 -13.91
N SER B 129 -0.81 -25.19 -12.76
CA SER B 129 -1.74 -25.25 -11.64
CA SER B 129 -1.72 -25.22 -11.63
C SER B 129 -2.98 -24.42 -11.89
N ALA B 130 -2.88 -23.31 -12.64
CA ALA B 130 -4.09 -22.54 -12.93
C ALA B 130 -5.07 -23.38 -13.74
N LYS B 131 -4.57 -24.08 -14.76
CA LYS B 131 -5.44 -24.94 -15.57
C LYS B 131 -6.09 -26.02 -14.72
N ARG B 132 -5.29 -26.66 -13.87
CA ARG B 132 -5.80 -27.73 -13.02
C ARG B 132 -6.83 -27.20 -12.02
N GLU B 133 -6.53 -26.06 -11.38
CA GLU B 133 -7.41 -25.53 -10.34
C GLU B 133 -8.70 -24.97 -10.92
N ILE B 134 -8.62 -24.28 -12.06
CA ILE B 134 -9.83 -23.79 -12.69
C ILE B 134 -10.74 -24.96 -13.07
N SER B 135 -10.15 -26.05 -13.58
CA SER B 135 -10.94 -27.22 -13.95
C SER B 135 -11.55 -27.90 -12.73
N LEU B 136 -10.87 -27.87 -11.60
CA LEU B 136 -11.37 -28.50 -10.39
C LEU B 136 -12.57 -27.76 -9.82
N TRP B 137 -12.50 -26.43 -9.77
CA TRP B 137 -13.49 -25.68 -9.01
C TRP B 137 -14.61 -25.09 -9.85
N PHE B 138 -14.46 -25.05 -11.18
CA PHE B 138 -15.43 -24.47 -12.07
C PHE B 138 -15.83 -25.44 -13.17
N LYS B 139 -17.13 -25.41 -13.55
CA LYS B 139 -17.53 -26.00 -14.81
C LYS B 139 -17.23 -25.01 -15.93
N PRO B 140 -16.98 -25.51 -17.15
CA PRO B 140 -16.70 -24.58 -18.26
C PRO B 140 -17.80 -23.56 -18.49
N GLU B 141 -19.05 -23.91 -18.19
CA GLU B 141 -20.15 -22.96 -18.36
C GLU B 141 -20.00 -21.73 -17.48
N GLU B 142 -19.20 -21.82 -16.42
CA GLU B 142 -19.07 -20.72 -15.47
C GLU B 142 -17.97 -19.74 -15.84
N ILE B 143 -17.16 -20.04 -16.86
CA ILE B 143 -16.10 -19.13 -17.32
C ILE B 143 -16.71 -18.28 -18.43
N GLN B 144 -16.72 -16.95 -18.24
CA GLN B 144 -17.43 -16.06 -19.13
C GLN B 144 -16.44 -15.29 -19.97
N SER B 145 -16.73 -15.18 -21.27
CA SER B 145 -15.90 -14.45 -22.21
CA SER B 145 -15.91 -14.45 -22.23
C SER B 145 -16.58 -13.13 -22.57
N TYR B 146 -15.92 -12.02 -22.24
CA TYR B 146 -16.37 -10.69 -22.60
C TYR B 146 -15.15 -9.79 -22.56
N LYS B 147 -15.27 -8.61 -23.16
CA LYS B 147 -14.19 -7.64 -23.28
C LYS B 147 -14.43 -6.43 -22.39
N LEU B 148 -13.38 -5.99 -21.69
CA LEU B 148 -13.48 -4.78 -20.89
C LEU B 148 -13.49 -3.55 -21.78
N ALA B 149 -14.45 -2.66 -21.54
CA ALA B 149 -14.60 -1.47 -22.36
C ALA B 149 -13.41 -0.52 -22.25
N LEU B 150 -12.67 -0.55 -21.14
CA LEU B 150 -11.50 0.30 -20.98
C LEU B 150 -10.21 -0.35 -21.52
N SER B 151 -10.32 -1.41 -22.33
CA SER B 151 -9.14 -2.13 -22.81
CA SER B 151 -9.14 -2.13 -22.79
C SER B 151 -8.11 -1.20 -23.43
N ASP B 152 -8.55 -0.21 -24.20
CA ASP B 152 -7.57 0.63 -24.90
C ASP B 152 -6.69 1.44 -23.94
N TYR B 153 -7.12 1.65 -22.70
CA TYR B 153 -6.38 2.40 -21.69
C TYR B 153 -5.74 1.48 -20.66
N ILE B 154 -5.97 0.18 -20.74
CA ILE B 154 -5.34 -0.79 -19.84
C ILE B 154 -4.15 -1.49 -20.52
N PHE B 155 -4.30 -1.83 -21.80
CA PHE B 155 -3.31 -2.59 -22.54
C PHE B 155 -2.62 -1.73 -23.59
N GLU B 156 -1.36 -2.07 -23.85
CA GLU B 156 -0.59 -1.53 -24.97
C GLU B 156 -1.22 -1.88 -26.31
N HIS C 8 1.01 -17.78 20.15
CA HIS C 8 1.55 -16.89 21.17
C HIS C 8 1.59 -15.45 20.68
N VAL C 9 0.89 -14.55 21.38
CA VAL C 9 0.87 -13.15 21.01
C VAL C 9 1.77 -12.35 21.94
N GLU C 10 2.12 -11.14 21.50
CA GLU C 10 2.82 -10.19 22.34
C GLU C 10 2.12 -8.84 22.23
N GLN C 11 2.59 -7.88 23.02
CA GLN C 11 2.05 -6.53 23.04
C GLN C 11 3.16 -5.52 22.77
N THR C 12 2.85 -4.51 21.97
CA THR C 12 3.79 -3.44 21.67
C THR C 12 3.18 -2.09 22.03
N TYR C 13 4.05 -1.12 22.32
CA TYR C 13 3.64 0.25 22.59
C TYR C 13 3.74 1.07 21.31
N LEU C 14 2.62 1.64 20.86
CA LEU C 14 2.55 2.51 19.71
C LEU C 14 2.01 3.87 20.16
N MET C 15 2.61 4.95 19.66
CA MET C 15 2.21 6.28 20.08
C MET C 15 2.07 7.19 18.86
N ILE C 16 0.88 7.74 18.67
CA ILE C 16 0.70 8.73 17.62
C ILE C 16 1.25 10.05 18.14
N LYS C 17 2.21 10.60 17.40
CA LYS C 17 2.88 11.85 17.78
C LYS C 17 2.00 13.05 17.49
N PRO C 18 2.39 14.23 17.95
CA PRO C 18 1.51 15.40 17.78
C PRO C 18 1.17 15.68 16.34
N ASP C 19 2.07 15.38 15.40
CA ASP C 19 1.75 15.62 14.01
C ASP C 19 0.62 14.69 13.54
N GLY C 20 0.54 13.47 14.07
CA GLY C 20 -0.57 12.59 13.71
C GLY C 20 -1.90 13.13 14.23
N ILE C 21 -1.87 13.68 15.44
CA ILE C 21 -3.07 14.29 16.01
C ILE C 21 -3.48 15.51 15.19
N GLN C 22 -2.52 16.42 14.92
CA GLN C 22 -2.83 17.69 14.31
C GLN C 22 -3.21 17.53 12.85
N ARG C 23 -2.65 16.54 12.15
CA ARG C 23 -3.02 16.28 10.76
C ARG C 23 -4.29 15.46 10.68
N GLN C 24 -4.83 15.05 11.83
CA GLN C 24 -6.14 14.41 11.93
C GLN C 24 -6.21 13.11 11.12
N VAL C 25 -5.20 12.26 11.32
CA VAL C 25 -5.11 10.93 10.71
C VAL C 25 -5.10 9.84 11.77
N VAL C 26 -5.60 10.16 12.97
CA VAL C 26 -5.64 9.16 14.04
C VAL C 26 -6.42 7.93 13.60
N GLY C 27 -7.63 8.13 13.06
CA GLY C 27 -8.44 7.00 12.66
C GLY C 27 -7.80 6.14 11.59
N GLU C 28 -7.17 6.78 10.59
CA GLU C 28 -6.48 6.04 9.53
C GLU C 28 -5.35 5.18 10.11
N ILE C 29 -4.60 5.71 11.06
CA ILE C 29 -3.53 4.94 11.69
C ILE C 29 -4.09 3.73 12.42
N ILE C 30 -5.12 3.95 13.24
CA ILE C 30 -5.69 2.82 13.98
C ILE C 30 -6.22 1.76 13.02
N SER C 31 -6.88 2.19 11.95
CA SER C 31 -7.44 1.23 11.00
C SER C 31 -6.38 0.32 10.39
N ARG C 32 -5.15 0.82 10.16
CA ARG C 32 -4.11 -0.05 9.59
C ARG C 32 -3.79 -1.22 10.50
N PHE C 33 -3.78 -0.99 11.81
CA PHE C 33 -3.47 -2.07 12.74
C PHE C 33 -4.67 -2.97 12.97
N GLU C 34 -5.87 -2.39 13.06
CA GLU C 34 -7.08 -3.20 13.15
C GLU C 34 -7.24 -4.11 11.94
N LYS C 35 -6.78 -3.66 10.78
CA LYS C 35 -6.95 -4.42 9.54
C LYS C 35 -6.25 -5.77 9.59
N ARG C 36 -5.18 -5.91 10.37
CA ARG C 36 -4.48 -7.20 10.50
C ARG C 36 -5.03 -8.04 11.64
N GLY C 37 -6.10 -7.60 12.29
CA GLY C 37 -6.62 -8.31 13.43
C GLY C 37 -5.84 -8.08 14.70
N TYR C 38 -5.04 -7.02 14.77
CA TYR C 38 -4.39 -6.67 16.03
C TYR C 38 -5.42 -6.10 16.97
N ARG C 39 -5.30 -6.45 18.25
CA ARG C 39 -6.27 -6.12 19.26
C ARG C 39 -5.82 -4.87 20.01
N ILE C 40 -6.73 -3.92 20.15
CA ILE C 40 -6.47 -2.75 20.97
C ILE C 40 -6.53 -3.20 22.43
N ALA C 41 -5.38 -3.19 23.09
CA ALA C 41 -5.34 -3.55 24.51
C ALA C 41 -5.34 -2.34 25.42
N ALA C 42 -4.96 -1.17 24.92
CA ALA C 42 -4.99 0.02 25.74
C ALA C 42 -4.95 1.22 24.80
N MET C 43 -5.52 2.32 25.25
CA MET C 43 -5.57 3.52 24.43
C MET C 43 -5.86 4.70 25.35
N LYS C 44 -5.11 5.78 25.18
CA LYS C 44 -5.28 6.97 26.00
C LYS C 44 -4.71 8.20 25.30
N LEU C 45 -5.51 9.26 25.20
CA LEU C 45 -5.03 10.56 24.76
C LEU C 45 -4.47 11.33 25.95
N THR C 46 -3.25 11.86 25.80
CA THR C 46 -2.67 12.71 26.83
C THR C 46 -1.87 13.80 26.17
N ILE C 47 -1.35 14.71 26.98
CA ILE C 47 -0.40 15.70 26.48
C ILE C 47 0.96 15.33 27.09
N ALA C 48 1.89 14.97 26.23
CA ALA C 48 3.20 14.53 26.71
C ALA C 48 3.95 15.69 27.35
N THR C 49 4.66 15.40 28.42
CA THR C 49 5.45 16.38 29.14
C THR C 49 6.93 16.10 28.98
N PRO C 50 7.79 17.11 29.13
CA PRO C 50 9.23 16.83 29.05
C PRO C 50 9.68 15.77 30.03
N ALA C 51 9.08 15.72 31.23
CA ALA C 51 9.54 14.75 32.22
C ALA C 51 9.31 13.32 31.76
N ILE C 52 8.13 13.02 31.22
CA ILE C 52 7.89 11.65 30.77
C ILE C 52 8.67 11.38 29.49
N LEU C 53 8.80 12.38 28.61
CA LEU C 53 9.55 12.21 27.37
C LEU C 53 11.04 11.97 27.63
N GLU C 54 11.60 12.59 28.68
CA GLU C 54 12.99 12.32 29.02
C GLU C 54 13.18 10.85 29.35
N GLU C 55 12.23 10.25 30.06
CA GLU C 55 12.32 8.83 30.37
CA GLU C 55 12.30 8.83 30.38
C GLU C 55 12.04 7.98 29.13
N HIS C 56 11.08 8.41 28.32
CA HIS C 56 10.75 7.64 27.13
C HIS C 56 11.96 7.54 26.23
N TYR C 57 12.67 8.64 26.07
CA TYR C 57 13.85 8.73 25.21
C TYR C 57 15.15 8.64 26.01
N ALA C 58 15.17 7.85 27.09
CA ALA C 58 16.36 7.75 27.92
C ALA C 58 17.56 7.30 27.11
N GLU C 59 17.36 6.48 26.08
CA GLU C 59 18.48 5.99 25.28
C GLU C 59 19.23 7.14 24.60
N HIS C 60 18.59 8.30 24.43
CA HIS C 60 19.21 9.43 23.78
C HIS C 60 19.75 10.48 24.75
N LYS C 61 19.77 10.16 26.05
CA LYS C 61 20.22 11.14 27.04
C LYS C 61 21.63 11.65 26.71
N GLY C 62 21.79 12.97 26.81
CA GLY C 62 23.06 13.61 26.55
C GLY C 62 23.30 13.97 25.10
N LYS C 63 22.54 13.39 24.17
CA LYS C 63 22.76 13.66 22.76
C LYS C 63 22.26 15.06 22.39
N PRO C 64 22.89 15.69 21.39
CA PRO C 64 22.55 17.09 21.06
C PRO C 64 21.14 17.25 20.55
N PHE C 65 20.57 16.22 19.90
CA PHE C 65 19.25 16.36 19.30
C PHE C 65 18.11 16.12 20.30
N LEU C 66 18.42 15.65 21.51
CA LEU C 66 17.33 15.31 22.44
C LEU C 66 16.48 16.53 22.77
N PRO C 67 17.04 17.71 23.07
CA PRO C 67 16.16 18.84 23.41
C PRO C 67 15.14 19.17 22.34
N GLY C 68 15.52 19.12 21.05
CA GLY C 68 14.56 19.42 20.00
C GLY C 68 13.56 18.32 19.74
N LEU C 69 13.96 17.07 19.95
CA LEU C 69 13.01 15.97 19.88
C LEU C 69 11.95 16.11 20.97
N ILE C 70 12.38 16.43 22.20
CA ILE C 70 11.41 16.60 23.28
CA ILE C 70 11.41 16.60 23.28
C ILE C 70 10.47 17.75 22.98
N GLU C 71 10.99 18.84 22.41
CA GLU C 71 10.14 19.98 22.08
C GLU C 71 9.09 19.60 21.05
N LYS C 72 9.50 18.88 20.00
CA LYS C 72 8.55 18.47 18.97
C LYS C 72 7.46 17.56 19.53
N MET C 73 7.80 16.78 20.56
CA MET C 73 6.91 15.78 21.14
C MET C 73 6.08 16.31 22.30
N THR C 74 6.33 17.51 22.76
CA THR C 74 5.55 18.13 23.83
C THR C 74 4.25 18.65 23.19
N GLY C 75 3.19 17.87 23.33
CA GLY C 75 1.95 18.13 22.66
C GLY C 75 1.05 16.93 22.82
N PRO C 76 -0.15 16.98 22.25
CA PRO C 76 -1.07 15.84 22.37
C PRO C 76 -0.49 14.61 21.68
N VAL C 77 -0.64 13.45 22.33
CA VAL C 77 -0.22 12.17 21.78
C VAL C 77 -1.32 11.16 22.06
N LEU C 78 -1.43 10.13 21.22
CA LEU C 78 -2.32 9.01 21.52
C LEU C 78 -1.45 7.80 21.88
N CYS C 79 -1.49 7.41 23.16
CA CYS C 79 -0.79 6.22 23.65
C CYS C 79 -1.62 4.99 23.30
N MET C 80 -0.96 3.95 22.76
CA MET C 80 -1.69 2.75 22.35
C MET C 80 -0.90 1.50 22.71
N VAL C 81 -1.62 0.43 23.02
CA VAL C 81 -1.05 -0.92 23.10
C VAL C 81 -1.83 -1.80 22.15
N PHE C 82 -1.12 -2.46 21.24
CA PHE C 82 -1.72 -3.43 20.33
C PHE C 82 -1.13 -4.80 20.58
N GLU C 83 -1.98 -5.81 20.42
CA GLU C 83 -1.63 -7.21 20.64
C GLU C 83 -1.76 -8.03 19.37
N GLY C 84 -0.77 -8.89 19.13
CA GLY C 84 -0.82 -9.75 17.97
C GLY C 84 0.42 -10.64 17.91
N VAL C 85 0.41 -11.56 16.96
CA VAL C 85 1.59 -12.39 16.73
C VAL C 85 2.72 -11.51 16.21
N ASP C 86 3.89 -11.58 16.89
CA ASP C 86 5.08 -10.86 16.42
C ASP C 86 4.80 -9.37 16.25
N VAL C 87 3.88 -8.81 17.05
CA VAL C 87 3.38 -7.47 16.73
C VAL C 87 4.46 -6.41 16.92
N ILE C 88 5.46 -6.64 17.78
CA ILE C 88 6.51 -5.63 17.96
C ILE C 88 7.26 -5.42 16.65
N ALA C 89 7.82 -6.50 16.09
CA ALA C 89 8.52 -6.37 14.83
C ALA C 89 7.59 -6.00 13.68
N GLN C 90 6.37 -6.53 13.67
CA GLN C 90 5.48 -6.27 12.56
C GLN C 90 5.02 -4.81 12.55
N ALA C 91 4.75 -4.24 13.72
CA ALA C 91 4.34 -2.84 13.73
C ALA C 91 5.48 -1.94 13.27
N ARG C 92 6.73 -2.29 13.63
CA ARG C 92 7.87 -1.53 13.12
C ARG C 92 7.94 -1.62 11.60
N LYS C 93 7.68 -2.80 11.03
CA LYS C 93 7.69 -2.97 9.58
C LYS C 93 6.59 -2.12 8.95
N MET C 94 5.42 -2.09 9.57
CA MET C 94 4.31 -1.29 9.05
C MET C 94 4.58 0.20 9.13
N MET C 95 5.31 0.63 10.17
CA MET C 95 5.67 2.03 10.30
CA MET C 95 5.65 2.04 10.29
C MET C 95 6.63 2.47 9.21
N GLY C 96 7.58 1.61 8.87
CA GLY C 96 8.65 1.93 7.96
C GLY C 96 9.82 2.62 8.64
N SER C 97 10.87 2.82 7.84
CA SER C 97 12.10 3.41 8.31
C SER C 97 11.87 4.78 8.95
N THR C 98 12.77 5.11 9.88
CA THR C 98 12.75 6.40 10.57
C THR C 98 12.63 7.55 9.62
N ARG C 99 13.43 7.53 8.56
CA ARG C 99 13.39 8.61 7.56
C ARG C 99 12.35 8.24 6.51
N PRO C 100 11.25 9.01 6.41
CA PRO C 100 10.19 8.64 5.47
C PRO C 100 10.68 8.42 4.03
N GLY C 101 11.71 9.17 3.64
CA GLY C 101 12.20 9.02 2.29
C GLY C 101 12.85 7.68 2.02
N GLU C 102 13.25 6.99 3.09
CA GLU C 102 13.88 5.65 2.95
C GLU C 102 12.89 4.52 3.26
N ALA C 103 11.69 4.88 3.74
CA ALA C 103 10.68 3.89 4.08
C ALA C 103 10.04 3.29 2.83
N ALA C 104 9.65 2.04 2.95
CA ALA C 104 9.09 1.33 1.81
C ALA C 104 7.69 1.84 1.47
N PRO C 105 7.33 1.89 0.19
CA PRO C 105 5.94 2.25 -0.13
C PRO C 105 4.99 1.30 0.56
N GLY C 106 3.86 1.85 1.01
CA GLY C 106 2.89 1.10 1.76
C GLY C 106 3.05 1.13 3.25
N THR C 107 4.17 1.68 3.76
CA THR C 107 4.33 1.88 5.19
C THR C 107 3.74 3.23 5.58
N ILE C 108 3.48 3.39 6.89
CA ILE C 108 2.89 4.63 7.38
C ILE C 108 3.78 5.82 7.07
N ARG C 109 5.07 5.72 7.38
CA ARG C 109 5.92 6.88 7.20
C ARG C 109 6.08 7.23 5.74
N ALA C 110 6.18 6.24 4.85
CA ALA C 110 6.29 6.55 3.43
C ALA C 110 5.00 7.13 2.87
N ASP C 111 3.86 6.69 3.37
CA ASP C 111 2.59 7.11 2.79
C ASP C 111 2.16 8.47 3.29
N PHE C 112 2.60 8.88 4.50
CA PHE C 112 2.11 10.10 5.12
C PHE C 112 3.16 11.19 5.31
N CYS C 113 4.46 10.89 5.28
CA CYS C 113 5.42 11.83 5.84
C CYS C 113 6.56 12.16 4.90
N GLN C 114 7.35 13.18 5.28
CA GLN C 114 8.49 13.66 4.49
C GLN C 114 9.81 13.59 5.23
N GLN C 115 9.82 13.93 6.52
CA GLN C 115 11.08 14.05 7.26
C GLN C 115 11.01 13.31 8.58
N ALA C 116 12.19 12.85 9.03
CA ALA C 116 12.25 12.06 10.27
C ALA C 116 11.70 12.81 11.46
N GLY C 117 11.93 14.13 11.52
CA GLY C 117 11.47 14.90 12.67
C GLY C 117 9.97 15.03 12.78
N ARG C 118 9.24 14.74 11.70
CA ARG C 118 7.76 14.68 11.71
C ARG C 118 7.35 13.38 11.02
N ASN C 119 7.47 12.27 11.74
CA ASN C 119 7.23 10.96 11.15
C ASN C 119 6.11 10.20 11.85
N LEU C 120 5.20 10.95 12.45
CA LEU C 120 3.82 10.57 12.78
C LEU C 120 3.59 9.60 13.91
N ILE C 121 4.51 8.69 14.16
CA ILE C 121 4.21 7.56 15.03
C ILE C 121 5.51 7.01 15.58
N HIS C 122 5.44 6.53 16.82
CA HIS C 122 6.48 5.77 17.50
C HIS C 122 6.01 4.34 17.75
N GLY C 123 6.91 3.37 17.63
CA GLY C 123 6.63 2.01 18.07
C GLY C 123 7.83 1.40 18.76
N SER C 124 7.56 0.57 19.76
CA SER C 124 8.61 -0.14 20.47
C SER C 124 9.48 -0.93 19.49
N ASP C 125 10.80 -0.95 19.74
CA ASP C 125 11.70 -1.63 18.82
C ASP C 125 12.13 -3.02 19.25
N SER C 126 11.73 -3.49 20.43
CA SER C 126 12.16 -4.79 20.93
C SER C 126 11.22 -5.21 22.05
N ALA C 127 11.35 -6.47 22.45
CA ALA C 127 10.57 -6.95 23.57
C ALA C 127 10.87 -6.19 24.86
N GLU C 128 12.15 -5.89 25.12
CA GLU C 128 12.49 -5.17 26.33
C GLU C 128 11.93 -3.76 26.30
N SER C 129 12.07 -3.08 25.16
CA SER C 129 11.57 -1.72 25.08
CA SER C 129 11.57 -1.71 25.03
C SER C 129 10.05 -1.68 25.13
N ALA C 130 9.38 -2.69 24.58
CA ALA C 130 7.92 -2.69 24.66
C ALA C 130 7.45 -2.81 26.10
N LYS C 131 8.06 -3.71 26.87
CA LYS C 131 7.67 -3.85 28.27
C LYS C 131 7.92 -2.56 29.03
N ARG C 132 9.08 -1.92 28.80
CA ARG C 132 9.42 -0.69 29.51
C ARG C 132 8.47 0.44 29.14
N GLU C 133 8.16 0.58 27.84
CA GLU C 133 7.35 1.69 27.38
C GLU C 133 5.90 1.54 27.78
N ILE C 134 5.36 0.31 27.70
CA ILE C 134 4.00 0.10 28.17
C ILE C 134 3.90 0.48 29.65
N SER C 135 4.87 0.07 30.45
CA SER C 135 4.83 0.38 31.89
C SER C 135 5.00 1.87 32.17
N LEU C 136 5.72 2.58 31.30
CA LEU C 136 5.93 4.00 31.49
C LEU C 136 4.66 4.80 31.27
N TRP C 137 3.92 4.48 30.21
CA TRP C 137 2.79 5.28 29.78
C TRP C 137 1.45 4.76 30.28
N PHE C 138 1.38 3.52 30.77
CA PHE C 138 0.14 2.94 31.24
C PHE C 138 0.30 2.31 32.62
N LYS C 139 -0.71 2.48 33.47
CA LYS C 139 -0.82 1.68 34.68
C LYS C 139 -1.38 0.30 34.34
N PRO C 140 -1.08 -0.73 35.13
CA PRO C 140 -1.64 -2.07 34.80
C PRO C 140 -3.14 -2.09 34.68
N GLU C 141 -3.86 -1.29 35.49
CA GLU C 141 -5.32 -1.23 35.44
C GLU C 141 -5.86 -0.70 34.11
N GLU C 142 -5.04 -0.03 33.31
CA GLU C 142 -5.46 0.50 32.02
C GLU C 142 -5.29 -0.49 30.88
N ILE C 143 -4.68 -1.64 31.12
CA ILE C 143 -4.48 -2.66 30.10
C ILE C 143 -5.66 -3.61 30.16
N GLN C 144 -6.37 -3.73 29.04
CA GLN C 144 -7.65 -4.42 28.99
C GLN C 144 -7.48 -5.76 28.30
N SER C 145 -7.96 -6.82 28.95
CA SER C 145 -7.90 -8.18 28.42
CA SER C 145 -7.91 -8.17 28.41
C SER C 145 -9.30 -8.61 27.95
N TYR C 146 -9.40 -8.96 26.67
CA TYR C 146 -10.60 -9.53 26.07
C TYR C 146 -10.16 -10.28 24.82
N LYS C 147 -11.04 -11.14 24.32
CA LYS C 147 -10.73 -11.96 23.16
C LYS C 147 -11.48 -11.45 21.95
N LEU C 148 -10.79 -11.36 20.80
CA LEU C 148 -11.46 -10.95 19.56
C LEU C 148 -12.38 -12.08 19.09
N ALA C 149 -13.60 -11.74 18.71
CA ALA C 149 -14.57 -12.75 18.29
C ALA C 149 -14.13 -13.45 17.01
N LEU C 150 -13.32 -12.80 16.18
CA LEU C 150 -12.81 -13.39 14.95
C LEU C 150 -11.49 -14.17 15.15
N SER C 151 -11.12 -14.44 16.40
CA SER C 151 -9.84 -15.10 16.68
CA SER C 151 -9.85 -15.10 16.68
C SER C 151 -9.66 -16.38 15.87
N ASP C 152 -10.72 -17.18 15.71
CA ASP C 152 -10.55 -18.43 14.98
C ASP C 152 -10.13 -18.22 13.53
N TYR C 153 -10.40 -17.04 12.97
CA TYR C 153 -10.08 -16.73 11.58
C TYR C 153 -8.86 -15.83 11.45
N ILE C 154 -8.26 -15.44 12.56
CA ILE C 154 -7.04 -14.63 12.55
C ILE C 154 -5.83 -15.48 12.89
N PHE C 155 -5.97 -16.38 13.85
CA PHE C 155 -4.86 -17.16 14.36
C PHE C 155 -4.94 -18.61 13.88
N GLU C 156 -3.77 -19.21 13.69
CA GLU C 156 -3.70 -20.65 13.42
C GLU C 156 -4.22 -21.43 14.63
#